data_7F32
#
_entry.id   7F32
#
_entity_poly.entity_id   1
_entity_poly.type   'polypeptide(L)'
_entity_poly.pdbx_seq_one_letter_code
;SYCNCLCRRGVCRCICTI
;
_entity_poly.pdbx_strand_id   A
#
# COMPACT_ATOMS: atom_id res chain seq x y z
N SER A 1 4.86 7.58 9.27
CA SER A 1 3.66 7.91 10.03
C SER A 1 2.52 6.96 9.68
N TYR A 2 2.68 6.23 8.59
CA TYR A 2 1.67 5.28 8.14
C TYR A 2 2.23 4.32 7.10
N CYS A 3 1.55 3.20 6.92
CA CYS A 3 1.98 2.19 5.95
C CYS A 3 0.80 1.70 5.11
N ASN A 4 0.85 1.97 3.82
CA ASN A 4 -0.21 1.56 2.90
C ASN A 4 0.28 0.46 1.96
N CYS A 5 0.12 -0.79 2.37
CA CYS A 5 0.54 -1.93 1.57
C CYS A 5 -0.60 -2.93 1.39
N LEU A 6 -1.19 -2.95 0.20
CA LEU A 6 -2.28 -3.86 -0.09
C LEU A 6 -2.56 -3.92 -1.59
N CYS A 7 -3.55 -4.73 -1.97
CA CYS A 7 -3.92 -4.87 -3.38
C CYS A 7 -5.43 -4.89 -3.55
N ARG A 8 -5.90 -4.56 -4.74
CA ARG A 8 -7.32 -4.54 -5.02
C ARG A 8 -7.59 -4.09 -6.46
N ARG A 9 -8.32 -4.90 -7.21
CA ARG A 9 -8.65 -4.57 -8.59
C ARG A 9 -7.38 -4.39 -9.42
N GLY A 10 -6.27 -4.90 -8.90
CA GLY A 10 -5.00 -4.77 -9.60
C GLY A 10 -4.17 -3.61 -9.09
N VAL A 11 -4.65 -2.97 -8.04
CA VAL A 11 -3.94 -1.83 -7.45
C VAL A 11 -3.02 -2.28 -6.33
N CYS A 12 -2.25 -3.34 -6.58
CA CYS A 12 -1.33 -3.87 -5.59
C CYS A 12 -0.07 -3.00 -5.50
N ARG A 13 -0.08 -2.05 -4.56
CA ARG A 13 1.05 -1.16 -4.37
C ARG A 13 1.55 -1.21 -2.92
N CYS A 14 2.30 -2.25 -2.61
CA CYS A 14 2.83 -2.42 -1.25
C CYS A 14 3.88 -1.35 -0.95
N ILE A 15 3.59 -0.51 0.03
CA ILE A 15 4.50 0.57 0.42
C ILE A 15 4.43 0.82 1.93
N CYS A 16 5.09 1.88 2.37
CA CYS A 16 5.11 2.25 3.78
C CYS A 16 5.75 3.61 4.00
N THR A 17 4.95 4.58 4.42
CA THR A 17 5.44 5.93 4.66
C THR A 17 5.47 6.26 6.15
N ILE A 18 6.09 7.37 6.50
CA ILE A 18 6.19 7.80 7.90
C ILE A 18 4.92 8.54 8.32
N SER A 1 4.31 7.80 9.12
CA SER A 1 3.09 8.02 9.88
C SER A 1 2.04 6.96 9.55
N TYR A 2 2.27 6.23 8.46
CA TYR A 2 1.34 5.18 8.04
C TYR A 2 1.99 4.28 6.99
N CYS A 3 1.37 3.13 6.75
CA CYS A 3 1.89 2.19 5.77
C CYS A 3 0.76 1.66 4.88
N ASN A 4 0.90 1.87 3.58
CA ASN A 4 -0.11 1.42 2.63
C ASN A 4 0.44 0.30 1.74
N CYS A 5 0.24 -0.94 2.18
CA CYS A 5 0.70 -2.11 1.44
C CYS A 5 -0.40 -3.15 1.33
N LEU A 6 -1.06 -3.18 0.18
CA LEU A 6 -2.14 -4.15 -0.05
C LEU A 6 -2.57 -4.12 -1.52
N CYS A 7 -3.40 -5.08 -1.90
CA CYS A 7 -3.90 -5.17 -3.27
C CYS A 7 -5.40 -4.90 -3.33
N ARG A 8 -5.86 -4.38 -4.45
CA ARG A 8 -7.28 -4.07 -4.63
C ARG A 8 -7.55 -3.57 -6.05
N ARG A 9 -8.41 -4.29 -6.77
CA ARG A 9 -8.77 -3.93 -8.13
C ARG A 9 -7.58 -4.17 -9.07
N GLY A 10 -6.51 -4.74 -8.54
CA GLY A 10 -5.34 -5.01 -9.34
C GLY A 10 -4.30 -3.91 -9.24
N VAL A 11 -4.48 -3.01 -8.27
CA VAL A 11 -3.55 -1.91 -8.08
C VAL A 11 -2.73 -2.11 -6.81
N CYS A 12 -2.24 -3.34 -6.61
CA CYS A 12 -1.43 -3.66 -5.44
C CYS A 12 -0.14 -2.86 -5.43
N ARG A 13 0.05 -2.04 -4.41
CA ARG A 13 1.26 -1.22 -4.28
C ARG A 13 1.79 -1.27 -2.86
N CYS A 14 2.64 -2.26 -2.57
CA CYS A 14 3.23 -2.41 -1.26
C CYS A 14 4.19 -1.27 -0.95
N ILE A 15 3.84 -0.45 0.04
CA ILE A 15 4.68 0.67 0.44
C ILE A 15 4.59 0.93 1.93
N CYS A 16 5.15 2.05 2.37
CA CYS A 16 5.15 2.41 3.79
C CYS A 16 5.65 3.84 3.99
N THR A 17 4.74 4.74 4.35
CA THR A 17 5.08 6.13 4.57
C THR A 17 5.05 6.48 6.05
N ILE A 18 6.06 7.23 6.50
CA ILE A 18 6.42 7.26 7.92
C ILE A 18 5.55 8.25 8.68
N SER A 1 4.15 8.08 8.78
CA SER A 1 3.70 7.42 10.00
C SER A 1 2.76 6.27 9.68
N TYR A 2 2.25 6.24 8.46
CA TYR A 2 1.33 5.19 8.04
C TYR A 2 1.99 4.28 6.99
N CYS A 3 1.37 3.13 6.75
CA CYS A 3 1.88 2.18 5.77
C CYS A 3 0.76 1.66 4.88
N ASN A 4 0.90 1.87 3.58
CA ASN A 4 -0.10 1.42 2.62
C ASN A 4 0.44 0.29 1.75
N CYS A 5 0.24 -0.94 2.18
CA CYS A 5 0.71 -2.11 1.44
C CYS A 5 -0.39 -3.16 1.33
N LEU A 6 -1.06 -3.20 0.18
CA LEU A 6 -2.13 -4.15 -0.06
C LEU A 6 -2.57 -4.12 -1.52
N CYS A 7 -3.40 -5.08 -1.90
CA CYS A 7 -3.90 -5.17 -3.27
C CYS A 7 -5.40 -4.91 -3.32
N ARG A 8 -5.86 -4.38 -4.45
CA ARG A 8 -7.28 -4.07 -4.63
C ARG A 8 -7.55 -3.58 -6.05
N ARG A 9 -8.42 -4.30 -6.77
CA ARG A 9 -8.77 -3.93 -8.13
C ARG A 9 -7.59 -4.16 -9.07
N GLY A 10 -6.52 -4.74 -8.54
CA GLY A 10 -5.34 -5.01 -9.34
C GLY A 10 -4.31 -3.92 -9.24
N VAL A 11 -4.49 -3.01 -8.28
CA VAL A 11 -3.57 -1.90 -8.08
C VAL A 11 -2.74 -2.10 -6.82
N CYS A 12 -2.25 -3.32 -6.62
CA CYS A 12 -1.44 -3.64 -5.45
C CYS A 12 -0.14 -2.84 -5.44
N ARG A 13 0.06 -2.06 -4.40
CA ARG A 13 1.26 -1.24 -4.27
C ARG A 13 1.80 -1.28 -2.85
N CYS A 14 2.65 -2.27 -2.56
CA CYS A 14 3.24 -2.41 -1.24
C CYS A 14 4.20 -1.27 -0.94
N ILE A 15 3.85 -0.46 0.05
CA ILE A 15 4.69 0.68 0.44
C ILE A 15 4.59 0.92 1.95
N CYS A 16 5.16 2.04 2.38
CA CYS A 16 5.15 2.41 3.79
C CYS A 16 5.65 3.84 3.99
N THR A 17 4.74 4.74 4.35
CA THR A 17 5.08 6.13 4.57
C THR A 17 5.05 6.48 6.05
N ILE A 18 6.19 6.91 6.58
CA ILE A 18 6.31 7.20 8.01
C ILE A 18 5.33 8.28 8.43
N SER A 1 4.31 7.80 9.12
CA SER A 1 3.09 8.02 9.88
C SER A 1 2.04 6.95 9.56
N TYR A 2 2.27 6.23 8.46
CA TYR A 2 1.34 5.18 8.04
C TYR A 2 1.99 4.28 6.99
N CYS A 3 1.37 3.13 6.75
CA CYS A 3 1.88 2.18 5.77
C CYS A 3 0.76 1.66 4.88
N ASN A 4 0.90 1.87 3.58
CA ASN A 4 -0.11 1.42 2.61
C ASN A 4 0.44 0.30 1.74
N CYS A 5 0.23 -0.94 2.18
CA CYS A 5 0.70 -2.11 1.44
C CYS A 5 -0.40 -3.15 1.33
N LEU A 6 -1.07 -3.19 0.18
CA LEU A 6 -2.14 -4.15 -0.05
C LEU A 6 -2.58 -4.12 -1.51
N CYS A 7 -3.40 -5.09 -1.90
CA CYS A 7 -3.90 -5.18 -3.27
C CYS A 7 -5.40 -4.91 -3.32
N ARG A 8 -5.86 -4.38 -4.45
CA ARG A 8 -7.28 -4.07 -4.63
C ARG A 8 -7.54 -3.57 -6.05
N ARG A 9 -8.41 -4.29 -6.76
CA ARG A 9 -8.76 -3.92 -8.13
C ARG A 9 -7.58 -4.15 -9.07
N GLY A 10 -6.51 -4.74 -8.54
CA GLY A 10 -5.33 -5.01 -9.34
C GLY A 10 -4.29 -3.91 -9.24
N VAL A 11 -4.48 -3.01 -8.27
CA VAL A 11 -3.55 -1.91 -8.06
C VAL A 11 -2.72 -2.11 -6.80
N CYS A 12 -2.24 -3.34 -6.61
CA CYS A 12 -1.43 -3.67 -5.43
C CYS A 12 -0.13 -2.87 -5.43
N ARG A 13 0.05 -2.04 -4.41
CA ARG A 13 1.25 -1.23 -4.28
C ARG A 13 1.79 -1.27 -2.86
N CYS A 14 2.64 -2.25 -2.58
CA CYS A 14 3.22 -2.41 -1.26
C CYS A 14 4.19 -1.26 -0.95
N ILE A 15 3.84 -0.45 0.04
CA ILE A 15 4.68 0.68 0.43
C ILE A 15 4.59 0.93 1.93
N CYS A 16 5.15 2.05 2.37
CA CYS A 16 5.15 2.41 3.79
C CYS A 16 5.65 3.84 3.99
N THR A 17 4.74 4.74 4.35
CA THR A 17 5.08 6.13 4.57
C THR A 17 5.05 6.48 6.05
N ILE A 18 5.65 7.61 6.41
CA ILE A 18 5.93 7.92 7.80
C ILE A 18 4.83 8.80 8.40
N SER A 1 4.31 7.80 9.12
CA SER A 1 3.09 8.02 9.88
C SER A 1 2.04 6.95 9.56
N TYR A 2 2.26 6.24 8.47
CA TYR A 2 1.34 5.18 8.04
C TYR A 2 1.99 4.29 7.00
N CYS A 3 1.37 3.13 6.75
CA CYS A 3 1.89 2.19 5.77
C CYS A 3 0.76 1.66 4.88
N ASN A 4 0.90 1.87 3.58
CA ASN A 4 -0.11 1.43 2.62
C ASN A 4 0.44 0.30 1.74
N CYS A 5 0.23 -0.94 2.18
CA CYS A 5 0.70 -2.10 1.45
C CYS A 5 -0.40 -3.15 1.33
N LEU A 6 -1.06 -3.18 0.18
CA LEU A 6 -2.14 -4.15 -0.05
C LEU A 6 -2.58 -4.13 -1.52
N CYS A 7 -3.40 -5.08 -1.90
CA CYS A 7 -3.90 -5.18 -3.26
C CYS A 7 -5.40 -4.91 -3.32
N ARG A 8 -5.86 -4.38 -4.45
CA ARG A 8 -7.28 -4.07 -4.63
C ARG A 8 -7.54 -3.57 -6.05
N ARG A 9 -8.41 -4.28 -6.76
CA ARG A 9 -8.76 -3.92 -8.14
C ARG A 9 -7.58 -4.16 -9.08
N GLY A 10 -6.51 -4.74 -8.53
CA GLY A 10 -5.34 -5.01 -9.34
C GLY A 10 -4.30 -3.92 -9.24
N VAL A 11 -4.48 -3.02 -8.28
CA VAL A 11 -3.54 -1.92 -8.08
C VAL A 11 -2.72 -2.12 -6.81
N CYS A 12 -2.24 -3.34 -6.61
CA CYS A 12 -1.43 -3.66 -5.44
C CYS A 12 -0.14 -2.87 -5.43
N ARG A 13 0.05 -2.04 -4.41
CA ARG A 13 1.25 -1.23 -4.28
C ARG A 13 1.79 -1.27 -2.86
N CYS A 14 2.64 -2.26 -2.58
CA CYS A 14 3.22 -2.41 -1.26
C CYS A 14 4.19 -1.26 -0.95
N ILE A 15 3.84 -0.45 0.04
CA ILE A 15 4.68 0.68 0.43
C ILE A 15 4.59 0.93 1.93
N CYS A 16 5.15 2.05 2.37
CA CYS A 16 5.15 2.41 3.79
C CYS A 16 5.65 3.84 3.99
N THR A 17 4.74 4.74 4.35
CA THR A 17 5.08 6.13 4.57
C THR A 17 5.05 6.48 6.05
N ILE A 18 6.06 7.22 6.51
CA ILE A 18 6.46 7.19 7.90
C ILE A 18 5.61 8.15 8.74
N SER A 1 4.30 7.82 9.11
CA SER A 1 3.07 8.04 9.87
C SER A 1 2.03 6.97 9.55
N TYR A 2 2.25 6.24 8.46
CA TYR A 2 1.33 5.18 8.04
C TYR A 2 1.99 4.28 6.99
N CYS A 3 1.37 3.13 6.75
CA CYS A 3 1.89 2.18 5.78
C CYS A 3 0.76 1.65 4.89
N ASN A 4 0.90 1.86 3.58
CA ASN A 4 -0.11 1.41 2.63
C ASN A 4 0.45 0.28 1.75
N CYS A 5 0.24 -0.95 2.19
CA CYS A 5 0.71 -2.11 1.45
C CYS A 5 -0.38 -3.17 1.33
N LEU A 6 -1.05 -3.20 0.18
CA LEU A 6 -2.11 -4.16 -0.06
C LEU A 6 -2.56 -4.13 -1.52
N CYS A 7 -3.41 -5.08 -1.90
CA CYS A 7 -3.90 -5.16 -3.26
C CYS A 7 -5.40 -4.89 -3.32
N ARG A 8 -5.87 -4.36 -4.45
CA ARG A 8 -7.28 -4.06 -4.63
C ARG A 8 -7.55 -3.57 -6.04
N ARG A 9 -8.42 -4.28 -6.75
CA ARG A 9 -8.77 -3.92 -8.12
C ARG A 9 -7.59 -4.16 -9.07
N GLY A 10 -6.52 -4.74 -8.54
CA GLY A 10 -5.34 -5.01 -9.33
C GLY A 10 -4.31 -3.92 -9.24
N VAL A 11 -4.49 -3.01 -8.28
CA VAL A 11 -3.56 -1.90 -8.08
C VAL A 11 -2.73 -2.10 -6.82
N CYS A 12 -2.25 -3.33 -6.62
CA CYS A 12 -1.45 -3.64 -5.45
C CYS A 12 -0.14 -2.85 -5.45
N ARG A 13 0.07 -2.06 -4.40
CA ARG A 13 1.27 -1.24 -4.28
C ARG A 13 1.80 -1.28 -2.85
N CYS A 14 2.65 -2.27 -2.57
CA CYS A 14 3.24 -2.42 -1.24
C CYS A 14 4.20 -1.27 -0.94
N ILE A 15 3.85 -0.46 0.05
CA ILE A 15 4.68 0.67 0.44
C ILE A 15 4.60 0.92 1.94
N CYS A 16 5.15 2.05 2.37
CA CYS A 16 5.15 2.41 3.79
C CYS A 16 5.65 3.84 3.99
N THR A 17 4.73 4.73 4.35
CA THR A 17 5.07 6.14 4.57
C THR A 17 5.04 6.48 6.04
N ILE A 18 5.74 7.56 6.41
CA ILE A 18 5.79 8.00 7.81
C ILE A 18 4.56 8.82 8.17
N SER A 1 4.30 7.81 9.11
CA SER A 1 3.07 8.04 9.87
C SER A 1 2.03 6.97 9.55
N TYR A 2 2.25 6.24 8.46
CA TYR A 2 1.33 5.19 8.04
C TYR A 2 1.98 4.29 7.00
N CYS A 3 1.37 3.13 6.75
CA CYS A 3 1.89 2.19 5.77
C CYS A 3 0.76 1.66 4.88
N ASN A 4 0.91 1.87 3.57
CA ASN A 4 -0.10 1.42 2.62
C ASN A 4 0.45 0.29 1.75
N CYS A 5 0.24 -0.95 2.19
CA CYS A 5 0.71 -2.11 1.45
C CYS A 5 -0.39 -3.16 1.33
N LEU A 6 -1.05 -3.20 0.18
CA LEU A 6 -2.12 -4.15 -0.06
C LEU A 6 -2.56 -4.13 -1.53
N CYS A 7 -3.41 -5.07 -1.91
CA CYS A 7 -3.90 -5.15 -3.27
C CYS A 7 -5.41 -4.89 -3.32
N ARG A 8 -5.86 -4.37 -4.46
CA ARG A 8 -7.29 -4.08 -4.63
C ARG A 8 -7.56 -3.58 -6.05
N ARG A 9 -8.43 -4.30 -6.77
CA ARG A 9 -8.77 -3.94 -8.13
C ARG A 9 -7.60 -4.18 -9.07
N GLY A 10 -6.52 -4.75 -8.53
CA GLY A 10 -5.35 -5.01 -9.34
C GLY A 10 -4.31 -3.92 -9.24
N VAL A 11 -4.50 -3.01 -8.29
CA VAL A 11 -3.58 -1.90 -8.10
C VAL A 11 -2.75 -2.10 -6.82
N CYS A 12 -2.25 -3.31 -6.62
CA CYS A 12 -1.45 -3.63 -5.46
C CYS A 12 -0.15 -2.82 -5.46
N ARG A 13 0.07 -2.07 -4.39
CA ARG A 13 1.27 -1.24 -4.27
C ARG A 13 1.81 -1.28 -2.84
N CYS A 14 2.66 -2.27 -2.56
CA CYS A 14 3.24 -2.42 -1.24
C CYS A 14 4.21 -1.27 -0.94
N ILE A 15 3.85 -0.47 0.05
CA ILE A 15 4.69 0.67 0.44
C ILE A 15 4.61 0.92 1.95
N CYS A 16 5.16 2.04 2.38
CA CYS A 16 5.16 2.41 3.80
C CYS A 16 5.65 3.83 4.00
N THR A 17 4.74 4.74 4.35
CA THR A 17 5.08 6.13 4.57
C THR A 17 5.05 6.48 6.06
N ILE A 18 5.55 7.66 6.40
CA ILE A 18 5.55 8.12 7.78
C ILE A 18 4.19 8.71 8.16
N SER A 1 4.29 7.81 9.10
CA SER A 1 3.07 8.03 9.87
C SER A 1 2.03 6.95 9.55
N TYR A 2 2.26 6.23 8.46
CA TYR A 2 1.34 5.17 8.04
C TYR A 2 1.98 4.28 6.99
N CYS A 3 1.37 3.12 6.76
CA CYS A 3 1.88 2.17 5.77
C CYS A 3 0.75 1.64 4.89
N ASN A 4 0.88 1.85 3.59
CA ASN A 4 -0.13 1.40 2.64
C ASN A 4 0.43 0.28 1.75
N CYS A 5 0.23 -0.96 2.19
CA CYS A 5 0.71 -2.11 1.45
C CYS A 5 -0.39 -3.18 1.33
N LEU A 6 -1.05 -3.21 0.18
CA LEU A 6 -2.12 -4.17 -0.06
C LEU A 6 -2.57 -4.14 -1.51
N CYS A 7 -3.40 -5.11 -1.89
CA CYS A 7 -3.91 -5.19 -3.26
C CYS A 7 -5.40 -4.88 -3.30
N ARG A 8 -5.84 -4.33 -4.43
CA ARG A 8 -7.26 -3.98 -4.59
C ARG A 8 -7.52 -3.47 -6.00
N ARG A 9 -8.41 -4.16 -6.72
CA ARG A 9 -8.76 -3.77 -8.08
C ARG A 9 -7.59 -4.03 -9.04
N GLY A 10 -6.53 -4.64 -8.51
CA GLY A 10 -5.36 -4.94 -9.32
C GLY A 10 -4.30 -3.87 -9.22
N VAL A 11 -4.45 -2.98 -8.24
CA VAL A 11 -3.49 -1.90 -8.04
C VAL A 11 -2.66 -2.14 -6.77
N CYS A 12 -2.22 -3.37 -6.58
CA CYS A 12 -1.41 -3.73 -5.42
C CYS A 12 -0.09 -2.97 -5.41
N ARG A 13 0.06 -2.07 -4.45
CA ARG A 13 1.28 -1.27 -4.33
C ARG A 13 1.81 -1.30 -2.90
N CYS A 14 2.65 -2.27 -2.60
CA CYS A 14 3.23 -2.41 -1.26
C CYS A 14 4.18 -1.26 -0.97
N ILE A 15 3.83 -0.45 0.03
CA ILE A 15 4.66 0.69 0.41
C ILE A 15 4.58 0.94 1.91
N CYS A 16 5.13 2.07 2.35
CA CYS A 16 5.13 2.43 3.76
C CYS A 16 5.63 3.86 3.96
N THR A 17 4.70 4.75 4.32
CA THR A 17 5.05 6.15 4.55
C THR A 17 5.02 6.49 6.04
N ILE A 18 5.46 7.71 6.36
CA ILE A 18 5.48 8.15 7.75
C ILE A 18 4.18 8.81 8.14
N SER A 1 4.35 7.75 9.14
CA SER A 1 3.12 7.98 9.90
C SER A 1 2.06 6.94 9.56
N TYR A 2 2.29 6.21 8.46
CA TYR A 2 1.35 5.18 8.04
C TYR A 2 2.00 4.28 6.98
N CYS A 3 1.36 3.14 6.72
CA CYS A 3 1.86 2.19 5.74
C CYS A 3 0.73 1.69 4.85
N ASN A 4 0.89 1.89 3.54
CA ASN A 4 -0.11 1.45 2.57
C ASN A 4 0.42 0.32 1.71
N CYS A 5 0.18 -0.91 2.16
CA CYS A 5 0.64 -2.09 1.42
C CYS A 5 -0.47 -3.14 1.33
N LEU A 6 -1.15 -3.18 0.20
CA LEU A 6 -2.25 -4.13 -0.01
C LEU A 6 -2.70 -4.11 -1.46
N CYS A 7 -3.40 -5.17 -1.87
CA CYS A 7 -3.90 -5.28 -3.24
C CYS A 7 -5.39 -4.98 -3.29
N ARG A 8 -5.84 -4.43 -4.42
CA ARG A 8 -7.24 -4.09 -4.59
C ARG A 8 -7.51 -3.59 -6.01
N ARG A 9 -8.35 -4.31 -6.75
CA ARG A 9 -8.68 -3.94 -8.11
C ARG A 9 -7.49 -4.15 -9.05
N GLY A 10 -6.42 -4.71 -8.49
CA GLY A 10 -5.22 -4.95 -9.29
C GLY A 10 -4.18 -3.86 -9.11
N VAL A 11 -4.38 -3.01 -8.12
CA VAL A 11 -3.45 -1.92 -7.84
C VAL A 11 -2.64 -2.18 -6.58
N CYS A 12 -2.16 -3.42 -6.44
CA CYS A 12 -1.37 -3.80 -5.28
C CYS A 12 -0.04 -3.04 -5.25
N ARG A 13 0.01 -1.99 -4.44
CA ARG A 13 1.22 -1.18 -4.32
C ARG A 13 1.75 -1.22 -2.89
N CYS A 14 2.58 -2.22 -2.61
CA CYS A 14 3.17 -2.37 -1.28
C CYS A 14 4.15 -1.24 -0.98
N ILE A 15 3.81 -0.44 0.02
CA ILE A 15 4.66 0.68 0.42
C ILE A 15 4.58 0.93 1.92
N CYS A 16 5.16 2.04 2.36
CA CYS A 16 5.16 2.39 3.78
C CYS A 16 5.66 3.81 3.98
N THR A 17 4.76 4.72 4.35
CA THR A 17 5.12 6.11 4.58
C THR A 17 5.09 6.45 6.07
N ILE A 18 5.75 7.54 6.43
CA ILE A 18 5.80 7.97 7.82
C ILE A 18 4.57 8.81 8.19
#